data_9HAE
#
_entry.id   9HAE
#
_cell.length_a   55.710
_cell.length_b   90.250
_cell.length_c   63.410
_cell.angle_alpha   90.000
_cell.angle_beta   93.024
_cell.angle_gamma   90.000
#
_symmetry.space_group_name_H-M   'P 1 21 1'
#
loop_
_entity.id
_entity.type
_entity.pdbx_description
1 polymer 'Mite allergen Der f 7'
2 polymer DerF7_binder2
3 non-polymer 'SODIUM ION'
4 water water
#
loop_
_entity_poly.entity_id
_entity_poly.type
_entity_poly.pdbx_seq_one_letter_code
_entity_poly.pdbx_strand_id
1 'polypeptide(L)'
;HHHHHHGSDPIHYDKITEEINKAIDDAIAAIEQSETIDPMKVPDHADKFERHVGILDFKGELAMRNIEARGLKQMKRQGD
ANVKGEEGIVKAHLLIGVHDDIVSMEYDLAYKLGDLHPTTHVISDIQDFVVALSLEIPDEGNITMTSFEVRQFANVVNHI
GGLSILDPIFGVLSDVLTAIFQDTVRKEMTKVLAPAFKRELEKN
;
A,C
2 'polypeptide(L)'
;HHHHHHGSSPKEEKFKKKLEEELKKIRERLLMVFDEERVEEYMKIMKEVIEKILENRKKGSKEKVEIPPGMEWFYENFLR
YYDYEEEKLEKEEKE
;
B,D
#
loop_
_chem_comp.id
_chem_comp.type
_chem_comp.name
_chem_comp.formula
NA non-polymer 'SODIUM ION' 'Na 1'
#
# COMPACT_ATOMS: atom_id res chain seq x y z
N ASP A 14 -5.05 -27.57 18.81
CA ASP A 14 -4.50 -26.95 20.00
C ASP A 14 -3.32 -27.78 20.50
N LYS A 15 -3.55 -29.09 20.65
CA LYS A 15 -2.45 -29.99 21.00
C LYS A 15 -1.54 -30.21 19.82
N ILE A 16 -2.11 -30.41 18.63
CA ILE A 16 -1.32 -30.50 17.41
C ILE A 16 -0.47 -29.25 17.23
N THR A 17 -1.06 -28.08 17.53
CA THR A 17 -0.32 -26.84 17.42
C THR A 17 0.88 -26.82 18.35
N GLU A 18 0.71 -27.29 19.58
CA GLU A 18 1.82 -27.31 20.52
C GLU A 18 2.89 -28.33 20.13
N GLU A 19 2.47 -29.52 19.65
CA GLU A 19 3.45 -30.48 19.17
C GLU A 19 4.26 -29.91 18.01
N ILE A 20 3.61 -29.19 17.09
CA ILE A 20 4.33 -28.62 15.96
C ILE A 20 5.26 -27.51 16.43
N ASN A 21 4.81 -26.68 17.37
CA ASN A 21 5.67 -25.67 17.96
C ASN A 21 6.93 -26.31 18.56
N LYS A 22 6.75 -27.40 19.31
CA LYS A 22 7.88 -28.06 19.95
C LYS A 22 8.84 -28.66 18.91
N ALA A 23 8.29 -29.33 17.90
CA ALA A 23 9.13 -29.88 16.84
C ALA A 23 9.93 -28.78 16.15
N ILE A 24 9.29 -27.64 15.90
CA ILE A 24 9.96 -26.51 15.25
C ILE A 24 11.08 -25.98 16.13
N ASP A 25 10.80 -25.85 17.43
CA ASP A 25 11.82 -25.34 18.35
C ASP A 25 13.01 -26.28 18.41
N ASP A 26 12.75 -27.60 18.36
CA ASP A 26 13.84 -28.57 18.36
C ASP A 26 14.65 -28.48 17.06
N ALA A 27 13.97 -28.33 15.93
CA ALA A 27 14.68 -28.19 14.66
C ALA A 27 15.57 -26.95 14.68
N ILE A 28 15.03 -25.83 15.15
CA ILE A 28 15.80 -24.59 15.24
C ILE A 28 17.02 -24.78 16.13
N ALA A 29 16.83 -25.39 17.30
CA ALA A 29 17.93 -25.57 18.24
C ALA A 29 19.00 -26.48 17.66
N ALA A 30 18.59 -27.58 17.01
CA ALA A 30 19.58 -28.48 16.42
C ALA A 30 20.36 -27.80 15.30
N ILE A 31 19.68 -26.99 14.47
CA ILE A 31 20.38 -26.32 13.39
C ILE A 31 21.35 -25.27 13.94
N GLU A 32 20.96 -24.59 15.02
CA GLU A 32 21.83 -23.56 15.60
C GLU A 32 23.00 -24.16 16.38
N GLN A 33 22.80 -25.31 17.02
CA GLN A 33 23.92 -25.98 17.67
C GLN A 33 24.98 -26.43 16.68
N SER A 34 24.65 -26.49 15.40
CA SER A 34 25.60 -26.90 14.38
CA SER A 34 25.59 -26.90 14.37
C SER A 34 26.30 -25.68 13.78
N GLU A 35 27.51 -25.92 13.28
CA GLU A 35 28.26 -24.88 12.59
C GLU A 35 27.63 -24.61 11.22
N THR A 36 28.28 -23.72 10.46
CA THR A 36 27.88 -23.28 9.12
C THR A 36 26.67 -22.35 9.09
N ILE A 37 25.87 -22.31 10.15
CA ILE A 37 24.69 -21.43 10.13
C ILE A 37 25.01 -20.03 10.66
N ASP A 38 25.89 -19.91 11.64
CA ASP A 38 26.26 -18.63 12.21
C ASP A 38 27.69 -18.71 12.72
N PRO A 39 28.67 -18.05 12.06
CA PRO A 39 28.58 -17.31 10.79
C PRO A 39 28.34 -18.22 9.58
N MET A 40 27.55 -17.76 8.61
CA MET A 40 27.24 -18.49 7.40
C MET A 40 28.00 -17.87 6.22
N LYS A 41 28.79 -18.69 5.55
CA LYS A 41 29.45 -18.24 4.32
C LYS A 41 28.45 -18.09 3.19
N VAL A 42 28.61 -17.04 2.40
CA VAL A 42 27.84 -16.84 1.18
C VAL A 42 28.84 -16.83 0.03
N PRO A 43 28.60 -17.56 -1.06
CA PRO A 43 29.58 -17.57 -2.15
C PRO A 43 29.79 -16.19 -2.75
N ASP A 44 31.01 -15.96 -3.24
CA ASP A 44 31.35 -14.68 -3.85
C ASP A 44 30.40 -14.37 -5.00
N HIS A 45 30.14 -13.08 -5.23
CA HIS A 45 29.19 -12.71 -6.27
C HIS A 45 29.67 -11.47 -7.00
N ALA A 46 29.59 -11.49 -8.32
CA ALA A 46 29.98 -10.36 -9.14
C ALA A 46 28.82 -9.96 -10.04
N ASP A 47 28.79 -8.69 -10.43
CA ASP A 47 27.69 -8.20 -11.25
C ASP A 47 28.08 -6.91 -11.94
N LYS A 48 27.58 -6.74 -13.16
CA LYS A 48 27.57 -5.44 -13.80
C LYS A 48 26.27 -4.72 -13.43
N PHE A 49 26.30 -3.39 -13.52
CA PHE A 49 25.12 -2.64 -13.14
C PHE A 49 25.09 -1.31 -13.88
N GLU A 50 23.88 -0.78 -14.00
CA GLU A 50 23.62 0.56 -14.50
C GLU A 50 22.51 1.18 -13.67
N ARG A 51 22.69 2.44 -13.31
CA ARG A 51 21.66 3.23 -12.66
C ARG A 51 21.71 4.65 -13.22
N HIS A 52 20.62 5.40 -13.01
CA HIS A 52 20.56 6.80 -13.39
C HIS A 52 20.22 7.61 -12.15
N VAL A 53 21.16 8.44 -11.71
CA VAL A 53 20.96 9.34 -10.57
C VAL A 53 20.91 10.74 -11.13
N GLY A 54 19.70 11.28 -11.28
CA GLY A 54 19.57 12.59 -11.87
C GLY A 54 20.09 12.59 -13.30
N ILE A 55 21.02 13.51 -13.57
CA ILE A 55 21.68 13.57 -14.88
C ILE A 55 22.83 12.59 -15.01
N LEU A 56 23.26 11.99 -13.90
CA LEU A 56 24.39 11.06 -13.93
C LEU A 56 23.93 9.67 -14.36
N ASP A 57 24.71 9.06 -15.24
CA ASP A 57 24.42 7.71 -15.75
C ASP A 57 25.58 6.81 -15.31
N PHE A 58 25.34 6.01 -14.27
CA PHE A 58 26.36 5.16 -13.68
C PHE A 58 26.33 3.81 -14.37
N LYS A 59 27.47 3.40 -14.92
CA LYS A 59 27.64 2.08 -15.51
C LYS A 59 28.95 1.51 -14.97
N GLY A 60 28.87 0.36 -14.31
CA GLY A 60 30.09 -0.17 -13.72
C GLY A 60 29.94 -1.61 -13.31
N GLU A 61 30.92 -2.08 -12.53
CA GLU A 61 30.88 -3.47 -12.07
C GLU A 61 31.25 -3.52 -10.60
N LEU A 62 30.82 -4.60 -9.94
CA LEU A 62 31.19 -4.83 -8.55
C LEU A 62 31.39 -6.32 -8.31
N ALA A 63 32.10 -6.60 -7.21
CA ALA A 63 32.39 -7.95 -6.74
C ALA A 63 32.35 -7.95 -5.21
N MET A 64 31.64 -8.92 -4.65
CA MET A 64 31.52 -9.16 -3.22
C MET A 64 32.25 -10.44 -2.88
N ARG A 65 33.18 -10.35 -1.94
CA ARG A 65 34.01 -11.47 -1.51
C ARG A 65 34.01 -11.56 0.01
N ASN A 66 34.29 -12.75 0.52
CA ASN A 66 34.36 -12.99 1.96
C ASN A 66 33.06 -12.62 2.66
N ILE A 67 31.94 -13.06 2.07
CA ILE A 67 30.62 -12.68 2.57
C ILE A 67 30.24 -13.60 3.73
N GLU A 68 29.94 -13.00 4.88
CA GLU A 68 29.58 -13.76 6.07
C GLU A 68 28.32 -13.16 6.69
N ALA A 69 27.38 -14.03 7.05
CA ALA A 69 26.15 -13.64 7.71
C ALA A 69 26.19 -14.08 9.18
N ARG A 70 25.96 -13.15 10.09
CA ARG A 70 25.91 -13.44 11.50
C ARG A 70 24.54 -13.04 12.06
N GLY A 71 24.12 -13.75 13.10
CA GLY A 71 22.88 -13.45 13.79
C GLY A 71 21.83 -14.53 13.68
N LEU A 72 22.03 -15.55 12.84
CA LEU A 72 21.00 -16.58 12.68
C LEU A 72 20.93 -17.52 13.89
N LYS A 73 21.89 -17.45 14.82
CA LYS A 73 21.73 -18.16 16.08
C LYS A 73 20.53 -17.66 16.87
N GLN A 74 19.95 -16.53 16.50
CA GLN A 74 18.79 -15.98 17.20
C GLN A 74 17.48 -16.32 16.52
N MET A 75 17.49 -17.28 15.60
CA MET A 75 16.25 -17.68 14.94
C MET A 75 15.24 -18.17 15.96
N LYS A 76 14.01 -17.69 15.84
CA LYS A 76 12.97 -17.97 16.81
C LYS A 76 11.63 -18.09 16.12
N ARG A 77 10.85 -19.09 16.50
CA ARG A 77 9.50 -19.22 16.01
C ARG A 77 8.70 -17.97 16.38
N GLN A 78 7.94 -17.44 15.42
CA GLN A 78 7.11 -16.26 15.62
C GLN A 78 5.65 -16.70 15.73
N GLY A 79 5.14 -16.76 16.95
CA GLY A 79 3.76 -17.16 17.17
C GLY A 79 3.55 -18.65 16.95
N ASP A 80 2.31 -19.07 17.21
CA ASP A 80 1.93 -20.46 17.02
C ASP A 80 2.03 -20.84 15.55
N ALA A 81 2.29 -22.12 15.32
CA ALA A 81 2.09 -22.69 14.00
C ALA A 81 0.63 -22.52 13.59
N ASN A 82 0.40 -22.00 12.39
CA ASN A 82 -0.95 -21.87 11.87
C ASN A 82 -1.36 -23.23 11.31
N VAL A 83 -2.29 -23.90 11.99
CA VAL A 83 -2.63 -25.30 11.73
C VAL A 83 -4.05 -25.38 11.20
N LYS A 84 -4.24 -26.19 10.17
CA LYS A 84 -5.56 -26.41 9.57
C LYS A 84 -5.62 -27.84 9.05
N GLY A 85 -6.71 -28.54 9.34
CA GLY A 85 -6.84 -29.93 8.95
C GLY A 85 -7.80 -30.16 7.82
N GLU A 86 -7.35 -30.78 6.73
CA GLU A 86 -8.20 -31.09 5.59
C GLU A 86 -7.99 -32.54 5.17
N GLU A 87 -9.10 -33.28 5.04
CA GLU A 87 -9.10 -34.65 4.53
C GLU A 87 -8.18 -35.56 5.34
N GLY A 88 -8.17 -35.39 6.65
CA GLY A 88 -7.33 -36.22 7.49
C GLY A 88 -5.86 -35.92 7.40
N ILE A 89 -5.47 -34.80 6.78
CA ILE A 89 -4.09 -34.36 6.74
C ILE A 89 -4.01 -33.00 7.43
N VAL A 90 -3.12 -32.89 8.40
CA VAL A 90 -2.88 -31.63 9.09
C VAL A 90 -1.84 -30.85 8.30
N LYS A 91 -2.17 -29.61 7.94
CA LYS A 91 -1.24 -28.72 7.28
C LYS A 91 -0.91 -27.58 8.23
N ALA A 92 0.34 -27.14 8.19
CA ALA A 92 0.76 -26.09 9.12
C ALA A 92 1.73 -25.15 8.42
N HIS A 93 1.52 -23.85 8.58
CA HIS A 93 2.49 -22.88 8.09
C HIS A 93 3.03 -22.08 9.26
N LEU A 94 4.34 -21.82 9.21
CA LEU A 94 5.08 -21.21 10.31
C LEU A 94 5.96 -20.08 9.79
N LEU A 95 6.23 -19.14 10.68
CA LEU A 95 7.19 -18.08 10.47
C LEU A 95 8.29 -18.20 11.53
N ILE A 96 9.54 -18.08 11.09
CA ILE A 96 10.69 -18.11 11.98
C ILE A 96 11.56 -16.91 11.68
N GLY A 97 11.88 -16.11 12.69
CA GLY A 97 12.66 -14.94 12.37
C GLY A 97 13.63 -14.46 13.42
N VAL A 98 14.25 -13.31 13.12
CA VAL A 98 15.13 -12.60 14.04
C VAL A 98 14.68 -11.15 14.03
N HIS A 99 13.59 -10.86 14.74
CA HIS A 99 13.02 -9.53 14.69
C HIS A 99 13.59 -8.57 15.73
N ASP A 100 13.80 -9.01 16.97
CA ASP A 100 14.37 -8.09 17.96
C ASP A 100 15.82 -7.76 17.62
N ASP A 101 16.59 -8.75 17.21
CA ASP A 101 17.98 -8.56 16.81
C ASP A 101 18.08 -8.40 15.29
N ILE A 102 19.32 -8.28 14.80
CA ILE A 102 19.59 -8.00 13.41
C ILE A 102 20.51 -9.07 12.85
N VAL A 103 20.28 -9.46 11.59
CA VAL A 103 21.18 -10.31 10.85
C VAL A 103 22.13 -9.40 10.06
N SER A 104 23.43 -9.54 10.29
CA SER A 104 24.42 -8.66 9.67
C SER A 104 25.26 -9.43 8.66
N MET A 105 25.44 -8.85 7.48
CA MET A 105 26.27 -9.40 6.43
C MET A 105 27.50 -8.52 6.29
N GLU A 106 28.68 -9.11 6.40
CA GLU A 106 29.91 -8.36 6.18
C GLU A 106 30.63 -8.92 4.98
N TYR A 107 31.26 -8.04 4.21
CA TYR A 107 31.92 -8.50 2.99
C TYR A 107 32.84 -7.41 2.46
N ASP A 108 33.80 -7.85 1.66
CA ASP A 108 34.67 -6.95 0.92
C ASP A 108 34.02 -6.65 -0.42
N LEU A 109 33.98 -5.37 -0.79
CA LEU A 109 33.34 -4.92 -2.00
C LEU A 109 34.38 -4.20 -2.84
N ALA A 110 34.59 -4.69 -4.05
CA ALA A 110 35.42 -4.03 -5.04
C ALA A 110 34.51 -3.53 -6.15
N TYR A 111 34.60 -2.26 -6.49
CA TYR A 111 33.75 -1.73 -7.56
C TYR A 111 34.58 -0.89 -8.52
N LYS A 112 34.11 -0.84 -9.77
CA LYS A 112 34.72 -0.07 -10.83
C LYS A 112 33.67 0.83 -11.44
N LEU A 113 33.92 2.14 -11.37
CA LEU A 113 33.11 3.17 -12.00
C LEU A 113 34.08 4.20 -12.58
N GLY A 114 34.12 4.32 -13.91
CA GLY A 114 35.07 5.24 -14.51
C GLY A 114 36.49 4.87 -14.14
N ASP A 115 37.21 5.84 -13.59
CA ASP A 115 38.60 5.64 -13.15
C ASP A 115 38.69 5.25 -11.67
N LEU A 116 37.57 4.91 -11.04
CA LEU A 116 37.56 4.48 -9.64
C LEU A 116 37.50 2.97 -9.58
N HIS A 117 38.45 2.38 -8.85
CA HIS A 117 38.50 0.93 -8.66
C HIS A 117 38.95 0.58 -7.24
N PRO A 118 38.22 1.05 -6.22
CA PRO A 118 38.63 0.78 -4.85
C PRO A 118 38.07 -0.52 -4.29
N THR A 119 38.68 -0.95 -3.19
CA THR A 119 38.18 -2.06 -2.37
C THR A 119 37.89 -1.52 -0.99
N THR A 120 36.69 -1.81 -0.48
CA THR A 120 36.26 -1.30 0.82
C THR A 120 35.52 -2.40 1.54
N HIS A 121 35.30 -2.21 2.84
CA HIS A 121 34.57 -3.20 3.63
C HIS A 121 33.14 -2.70 3.89
N VAL A 122 32.18 -3.61 3.83
CA VAL A 122 30.77 -3.28 3.92
C VAL A 122 30.12 -4.10 5.03
N ILE A 123 29.29 -3.43 5.82
CA ILE A 123 28.40 -4.05 6.78
C ILE A 123 26.97 -3.74 6.36
N SER A 124 26.17 -4.78 6.12
CA SER A 124 24.80 -4.64 5.67
C SER A 124 23.87 -5.29 6.68
N ASP A 125 22.99 -4.49 7.28
CA ASP A 125 22.09 -4.93 8.33
C ASP A 125 20.73 -5.23 7.73
N ILE A 126 20.20 -6.42 8.04
CA ILE A 126 18.91 -6.86 7.56
C ILE A 126 17.89 -6.72 8.68
N GLN A 127 16.81 -5.99 8.43
CA GLN A 127 15.76 -5.84 9.42
C GLN A 127 14.65 -6.85 9.15
N ASP A 128 14.19 -7.49 10.22
CA ASP A 128 13.08 -8.44 10.16
C ASP A 128 13.37 -9.60 9.22
N PHE A 129 14.53 -10.24 9.42
CA PHE A 129 14.80 -11.49 8.72
C PHE A 129 13.77 -12.53 9.12
N VAL A 130 13.08 -13.08 8.13
CA VAL A 130 11.97 -14.01 8.38
C VAL A 130 11.99 -15.11 7.33
N VAL A 131 11.75 -16.33 7.79
CA VAL A 131 11.61 -17.52 6.97
C VAL A 131 10.18 -18.00 7.08
N ALA A 132 9.56 -18.34 5.95
CA ALA A 132 8.25 -18.96 5.89
C ALA A 132 8.43 -20.44 5.58
N LEU A 133 7.70 -21.29 6.30
CA LEU A 133 7.86 -22.72 6.19
C LEU A 133 6.48 -23.40 6.24
N SER A 134 6.35 -24.51 5.52
CA SER A 134 5.10 -25.26 5.48
C SER A 134 5.36 -26.74 5.72
N LEU A 135 4.47 -27.36 6.49
CA LEU A 135 4.54 -28.77 6.86
C LEU A 135 3.23 -29.45 6.57
N GLU A 136 3.31 -30.75 6.32
CA GLU A 136 2.15 -31.64 6.23
C GLU A 136 2.40 -32.84 7.12
N ILE A 137 1.37 -33.20 7.89
CA ILE A 137 1.36 -34.35 8.80
C ILE A 137 0.20 -35.25 8.41
N PRO A 138 0.46 -36.46 7.91
CA PRO A 138 -0.60 -37.43 7.61
C PRO A 138 -1.17 -38.07 8.87
N ILE A 143 5.84 -36.14 9.52
CA ILE A 143 5.96 -34.77 9.06
C ILE A 143 6.76 -34.70 7.77
N THR A 144 6.23 -33.98 6.77
CA THR A 144 6.95 -33.66 5.55
C THR A 144 6.96 -32.15 5.36
N MET A 145 8.12 -31.59 5.05
CA MET A 145 8.25 -30.16 4.78
C MET A 145 7.94 -29.92 3.30
N THR A 146 6.94 -29.07 3.04
CA THR A 146 6.48 -28.81 1.68
C THR A 146 6.91 -27.47 1.11
N SER A 147 7.30 -26.51 1.94
CA SER A 147 7.71 -25.20 1.44
C SER A 147 8.69 -24.57 2.43
N PHE A 148 9.67 -23.85 1.90
CA PHE A 148 10.66 -23.15 2.72
C PHE A 148 11.21 -21.98 1.91
N GLU A 149 11.12 -20.76 2.46
CA GLU A 149 11.64 -19.60 1.78
C GLU A 149 12.08 -18.56 2.79
N VAL A 150 13.13 -17.82 2.45
CA VAL A 150 13.48 -16.60 3.16
C VAL A 150 12.69 -15.47 2.51
N ARG A 151 11.83 -14.81 3.28
CA ARG A 151 11.02 -13.77 2.68
C ARG A 151 11.89 -12.58 2.26
N GLN A 152 11.36 -11.80 1.33
CA GLN A 152 12.04 -10.57 0.91
C GLN A 152 12.33 -9.71 2.13
N PHE A 153 13.54 -9.14 2.15
CA PHE A 153 13.97 -8.34 3.28
C PHE A 153 13.16 -7.04 3.33
N ALA A 154 12.60 -6.76 4.51
CA ALA A 154 11.88 -5.49 4.71
C ALA A 154 12.80 -4.30 4.46
N ASN A 155 14.02 -4.35 4.98
CA ASN A 155 14.97 -3.26 4.76
C ASN A 155 16.39 -3.78 4.93
N VAL A 156 17.29 -3.23 4.12
CA VAL A 156 18.71 -3.53 4.15
C VAL A 156 19.44 -2.20 4.29
N VAL A 157 20.15 -2.03 5.41
CA VAL A 157 20.89 -0.81 5.68
C VAL A 157 22.36 -1.09 5.39
N ASN A 158 22.91 -0.40 4.39
CA ASN A 158 24.26 -0.67 3.92
C ASN A 158 25.20 0.40 4.45
N HIS A 159 26.31 -0.04 5.04
CA HIS A 159 27.42 0.84 5.42
C HIS A 159 28.63 0.44 4.58
N ILE A 160 29.05 1.35 3.71
CA ILE A 160 30.14 1.13 2.79
C ILE A 160 31.29 2.01 3.25
N GLY A 161 32.38 1.38 3.71
CA GLY A 161 33.50 2.11 4.27
C GLY A 161 34.03 3.20 3.36
N GLY A 162 34.13 4.42 3.89
CA GLY A 162 34.70 5.52 3.16
C GLY A 162 33.74 6.31 2.29
N LEU A 163 32.48 5.90 2.21
CA LEU A 163 31.48 6.58 1.38
C LEU A 163 30.46 7.31 2.25
N SER A 164 30.24 8.58 1.94
CA SER A 164 29.18 9.34 2.59
C SER A 164 27.80 8.90 2.09
N ILE A 165 26.82 8.96 2.98
CA ILE A 165 25.45 8.68 2.61
C ILE A 165 24.91 9.70 1.60
N LEU A 166 25.56 10.86 1.49
CA LEU A 166 25.20 11.85 0.49
C LEU A 166 25.86 11.61 -0.86
N ASP A 167 26.81 10.69 -0.94
CA ASP A 167 27.52 10.47 -2.18
C ASP A 167 26.61 9.74 -3.18
N PRO A 168 26.46 10.25 -4.41
CA PRO A 168 25.68 9.50 -5.41
C PRO A 168 26.22 8.12 -5.68
N ILE A 169 27.54 7.94 -5.56
CA ILE A 169 28.13 6.62 -5.70
C ILE A 169 27.63 5.70 -4.59
N PHE A 170 27.46 6.23 -3.37
CA PHE A 170 26.81 5.44 -2.33
C PHE A 170 25.37 5.10 -2.71
N GLY A 171 24.63 6.06 -3.28
CA GLY A 171 23.26 5.76 -3.65
C GLY A 171 23.18 4.61 -4.64
N VAL A 172 24.00 4.67 -5.69
CA VAL A 172 24.01 3.61 -6.69
C VAL A 172 24.44 2.28 -6.07
N LEU A 173 25.55 2.29 -5.33
CA LEU A 173 26.07 1.04 -4.78
C LEU A 173 25.08 0.42 -3.80
N SER A 174 24.47 1.24 -2.94
CA SER A 174 23.51 0.72 -1.98
C SER A 174 22.28 0.16 -2.66
N ASP A 175 21.83 0.78 -3.76
CA ASP A 175 20.68 0.26 -4.48
C ASP A 175 21.00 -1.08 -5.13
N VAL A 176 22.15 -1.16 -5.81
CA VAL A 176 22.56 -2.41 -6.45
C VAL A 176 22.74 -3.51 -5.40
N LEU A 177 23.32 -3.16 -4.25
CA LEU A 177 23.55 -4.14 -3.20
C LEU A 177 22.24 -4.63 -2.61
N THR A 178 21.28 -3.73 -2.39
CA THR A 178 19.97 -4.15 -1.90
C THR A 178 19.30 -5.11 -2.88
N ALA A 179 19.38 -4.81 -4.18
CA ALA A 179 18.83 -5.73 -5.17
C ALA A 179 19.54 -7.08 -5.11
N ILE A 180 20.87 -7.06 -4.97
CA ILE A 180 21.63 -8.31 -4.89
C ILE A 180 21.22 -9.11 -3.66
N PHE A 181 20.93 -8.42 -2.55
CA PHE A 181 20.49 -9.15 -1.35
C PHE A 181 19.12 -9.76 -1.55
N GLN A 182 18.19 -9.01 -2.17
CA GLN A 182 16.86 -9.57 -2.42
C GLN A 182 16.90 -10.72 -3.40
N ASP A 183 17.94 -10.80 -4.24
CA ASP A 183 18.05 -11.88 -5.21
C ASP A 183 19.03 -12.98 -4.77
N THR A 184 20.32 -12.72 -5.00
CA THR A 184 21.36 -13.72 -4.80
C THR A 184 21.47 -14.16 -3.34
N VAL A 185 21.58 -13.19 -2.42
CA VAL A 185 21.84 -13.53 -1.03
C VAL A 185 20.69 -14.36 -0.46
N ARG A 186 19.46 -13.94 -0.75
CA ARG A 186 18.30 -14.69 -0.29
C ARG A 186 18.28 -16.09 -0.88
N LYS A 187 18.66 -16.24 -2.16
CA LYS A 187 18.70 -17.59 -2.73
C LYS A 187 19.76 -18.46 -2.07
N GLU A 188 20.94 -17.89 -1.79
CA GLU A 188 21.99 -18.68 -1.15
C GLU A 188 21.60 -19.10 0.27
N MET A 189 20.99 -18.18 1.03
CA MET A 189 20.56 -18.53 2.37
C MET A 189 19.46 -19.57 2.35
N THR A 190 18.56 -19.49 1.36
CA THR A 190 17.58 -20.56 1.20
C THR A 190 18.26 -21.88 0.88
N LYS A 191 19.28 -21.86 0.02
CA LYS A 191 20.00 -23.09 -0.32
C LYS A 191 20.60 -23.74 0.91
N VAL A 192 21.11 -22.93 1.83
CA VAL A 192 21.71 -23.50 3.04
C VAL A 192 20.63 -23.97 4.01
N LEU A 193 19.61 -23.15 4.25
CA LEU A 193 18.69 -23.39 5.36
C LEU A 193 17.65 -24.46 5.04
N ALA A 194 17.15 -24.51 3.79
CA ALA A 194 16.06 -25.44 3.48
C ALA A 194 16.42 -26.90 3.73
N PRO A 195 17.57 -27.42 3.28
CA PRO A 195 17.86 -28.84 3.57
C PRO A 195 18.14 -29.11 5.05
N ALA A 196 18.69 -28.15 5.79
CA ALA A 196 18.88 -28.34 7.22
C ALA A 196 17.54 -28.54 7.92
N PHE A 197 16.58 -27.64 7.67
CA PHE A 197 15.26 -27.78 8.25
C PHE A 197 14.55 -29.03 7.75
N LYS A 198 14.74 -29.37 6.47
CA LYS A 198 14.13 -30.59 5.95
C LYS A 198 14.63 -31.81 6.69
N ARG A 199 15.95 -31.90 6.88
CA ARG A 199 16.55 -33.01 7.61
C ARG A 199 16.03 -33.07 9.04
N GLU A 200 15.99 -31.92 9.72
CA GLU A 200 15.61 -31.95 11.13
C GLU A 200 14.12 -32.27 11.32
N LEU A 201 13.26 -31.69 10.49
CA LEU A 201 11.83 -31.88 10.68
C LEU A 201 11.35 -33.24 10.20
N GLU A 202 11.91 -33.75 9.10
CA GLU A 202 11.42 -35.00 8.54
C GLU A 202 12.01 -36.23 9.21
N LYS A 203 12.91 -36.06 10.18
CA LYS A 203 13.39 -37.18 10.96
C LYS A 203 12.25 -37.77 11.79
N SER B 9 25.38 32.37 13.09
CA SER B 9 25.03 31.21 13.91
C SER B 9 26.15 30.17 13.87
N PRO B 10 26.86 30.02 15.00
CA PRO B 10 28.00 29.09 15.02
C PRO B 10 27.61 27.63 14.81
N LYS B 11 26.45 27.20 15.32
CA LYS B 11 26.02 25.83 15.10
C LYS B 11 25.68 25.60 13.62
N GLU B 12 24.82 26.45 13.06
CA GLU B 12 24.54 26.39 11.63
C GLU B 12 25.82 26.52 10.82
N GLU B 13 26.76 27.35 11.29
CA GLU B 13 28.00 27.54 10.56
C GLU B 13 28.84 26.27 10.54
N LYS B 14 28.94 25.58 11.68
CA LYS B 14 29.69 24.33 11.70
C LYS B 14 29.03 23.28 10.81
N PHE B 15 27.70 23.23 10.83
CA PHE B 15 27.00 22.30 9.94
C PHE B 15 27.32 22.59 8.48
N LYS B 16 27.20 23.86 8.08
CA LYS B 16 27.44 24.22 6.69
C LYS B 16 28.90 23.97 6.30
N LYS B 17 29.83 24.20 7.23
CA LYS B 17 31.24 23.95 6.94
C LYS B 17 31.49 22.46 6.66
N LYS B 18 31.02 21.60 7.58
CA LYS B 18 31.17 20.16 7.37
C LYS B 18 30.48 19.71 6.09
N LEU B 19 29.30 20.27 5.81
CA LEU B 19 28.56 19.89 4.62
C LEU B 19 29.30 20.28 3.34
N GLU B 20 29.91 21.47 3.34
CA GLU B 20 30.70 21.89 2.19
C GLU B 20 31.92 21.00 2.00
N GLU B 21 32.53 20.54 3.09
CA GLU B 21 33.67 19.65 2.95
C GLU B 21 33.25 18.29 2.41
N GLU B 22 32.12 17.76 2.87
CA GLU B 22 31.58 16.53 2.31
C GLU B 22 31.29 16.68 0.82
N LEU B 23 30.70 17.82 0.45
CA LEU B 23 30.40 18.07 -0.96
C LEU B 23 31.66 18.18 -1.79
N LYS B 24 32.73 18.74 -1.23
CA LYS B 24 33.98 18.85 -1.97
C LYS B 24 34.57 17.47 -2.24
N LYS B 25 34.54 16.59 -1.25
CA LYS B 25 35.03 15.23 -1.47
C LYS B 25 34.16 14.49 -2.49
N ILE B 26 32.84 14.68 -2.41
CA ILE B 26 31.94 14.06 -3.39
C ILE B 26 32.26 14.56 -4.80
N ARG B 27 32.45 15.86 -4.96
CA ARG B 27 32.79 16.44 -6.26
C ARG B 27 34.09 15.85 -6.80
N GLU B 28 35.12 15.76 -5.95
CA GLU B 28 36.37 15.15 -6.39
C GLU B 28 36.15 13.73 -6.89
N ARG B 29 35.41 12.93 -6.13
CA ARG B 29 35.21 11.54 -6.55
C ARG B 29 34.41 11.45 -7.84
N LEU B 30 33.39 12.31 -8.00
CA LEU B 30 32.61 12.30 -9.24
C LEU B 30 33.45 12.70 -10.44
N LEU B 31 34.42 13.60 -10.26
CA LEU B 31 35.29 13.98 -11.37
C LEU B 31 36.14 12.83 -11.88
N MET B 32 36.15 11.69 -11.19
CA MET B 32 36.83 10.49 -11.63
C MET B 32 35.96 9.59 -12.48
N VAL B 33 34.69 9.94 -12.67
CA VAL B 33 33.73 9.13 -13.39
C VAL B 33 33.10 9.88 -14.55
N PHE B 34 32.86 11.18 -14.40
CA PHE B 34 32.11 11.98 -15.35
C PHE B 34 32.93 13.17 -15.81
N ASP B 35 32.46 13.79 -16.88
CA ASP B 35 33.11 15.00 -17.37
C ASP B 35 32.85 16.17 -16.41
N GLU B 36 33.69 17.20 -16.54
CA GLU B 36 33.68 18.31 -15.59
C GLU B 36 32.32 19.00 -15.54
N GLU B 37 31.74 19.27 -16.71
CA GLU B 37 30.51 20.04 -16.77
C GLU B 37 29.33 19.26 -16.20
N ARG B 38 29.23 17.96 -16.51
CA ARG B 38 28.17 17.14 -15.92
C ARG B 38 28.25 17.14 -14.40
N VAL B 39 29.45 17.00 -13.85
CA VAL B 39 29.63 17.05 -12.41
C VAL B 39 29.19 18.39 -11.86
N GLU B 40 29.52 19.48 -12.57
CA GLU B 40 29.15 20.81 -12.09
C GLU B 40 27.63 20.98 -12.06
N GLU B 41 26.95 20.57 -13.13
CA GLU B 41 25.49 20.64 -13.15
C GLU B 41 24.88 19.81 -12.03
N TYR B 42 25.42 18.61 -11.80
CA TYR B 42 24.89 17.75 -10.74
C TYR B 42 25.05 18.39 -9.37
N MET B 43 26.26 18.93 -9.09
CA MET B 43 26.50 19.59 -7.81
C MET B 43 25.57 20.77 -7.62
N LYS B 44 25.29 21.51 -8.71
CA LYS B 44 24.38 22.65 -8.61
C LYS B 44 22.96 22.22 -8.26
N ILE B 45 22.47 21.16 -8.90
CA ILE B 45 21.14 20.65 -8.57
C ILE B 45 21.09 20.14 -7.12
N MET B 46 22.14 19.45 -6.69
CA MET B 46 22.21 18.95 -5.32
C MET B 46 22.15 20.10 -4.30
N LYS B 47 22.94 21.15 -4.53
CA LYS B 47 22.92 22.29 -3.62
C LYS B 47 21.56 22.96 -3.59
N GLU B 48 20.89 23.03 -4.75
CA GLU B 48 19.54 23.57 -4.78
C GLU B 48 18.60 22.78 -3.88
N VAL B 49 18.67 21.45 -3.96
CA VAL B 49 17.81 20.61 -3.12
C VAL B 49 18.14 20.79 -1.65
N ILE B 50 19.44 20.86 -1.33
CA ILE B 50 19.86 21.06 0.06
C ILE B 50 19.30 22.38 0.60
N GLU B 51 19.40 23.44 -0.20
CA GLU B 51 18.86 24.73 0.19
C GLU B 51 17.37 24.65 0.48
N LYS B 52 16.60 24.08 -0.45
CA LYS B 52 15.15 23.96 -0.21
C LYS B 52 14.84 23.19 1.07
N ILE B 53 15.52 22.07 1.30
CA ILE B 53 15.24 21.28 2.50
C ILE B 53 15.55 22.08 3.77
N LEU B 54 16.73 22.72 3.80
CA LEU B 54 17.11 23.49 4.98
C LEU B 54 16.17 24.66 5.21
N GLU B 55 15.73 25.32 4.14
CA GLU B 55 14.81 26.45 4.29
C GLU B 55 13.45 26.00 4.79
N ASN B 56 12.96 24.86 4.28
CA ASN B 56 11.68 24.35 4.74
C ASN B 56 11.74 23.97 6.22
N ARG B 57 12.85 23.38 6.65
CA ARG B 57 12.95 23.02 8.07
C ARG B 57 13.07 24.26 8.96
N LYS B 58 13.75 25.31 8.48
CA LYS B 58 13.87 26.55 9.24
C LYS B 58 12.52 27.22 9.42
N LYS B 64 5.83 20.96 1.58
CA LYS B 64 6.29 19.93 0.64
C LYS B 64 7.42 20.47 -0.23
N VAL B 65 8.52 19.72 -0.30
CA VAL B 65 9.71 20.12 -1.04
C VAL B 65 9.72 19.43 -2.39
N GLU B 66 9.89 20.22 -3.45
CA GLU B 66 10.08 19.64 -4.77
C GLU B 66 11.39 18.89 -4.84
N ILE B 67 11.36 17.69 -5.42
CA ILE B 67 12.52 16.82 -5.50
C ILE B 67 12.71 16.43 -6.96
N PRO B 68 13.86 16.73 -7.56
CA PRO B 68 14.07 16.35 -8.96
C PRO B 68 14.12 14.83 -9.10
N PRO B 69 13.74 14.31 -10.26
CA PRO B 69 13.70 12.86 -10.44
C PRO B 69 15.10 12.26 -10.33
N GLY B 70 15.18 11.08 -9.72
CA GLY B 70 16.44 10.42 -9.47
C GLY B 70 17.18 10.92 -8.24
N MET B 71 16.61 11.88 -7.52
CA MET B 71 17.22 12.44 -6.32
C MET B 71 16.44 12.14 -5.05
N GLU B 72 15.35 11.36 -5.14
CA GLU B 72 14.56 11.00 -3.97
C GLU B 72 15.42 10.30 -2.92
N TRP B 73 16.31 9.42 -3.38
CA TRP B 73 17.26 8.79 -2.47
C TRP B 73 18.06 9.84 -1.71
N PHE B 74 18.48 10.90 -2.41
CA PHE B 74 19.27 11.94 -1.76
C PHE B 74 18.45 12.70 -0.74
N TYR B 75 17.16 12.93 -1.03
CA TYR B 75 16.32 13.63 -0.08
C TYR B 75 16.21 12.84 1.22
N GLU B 76 15.96 11.53 1.10
CA GLU B 76 15.86 10.71 2.30
C GLU B 76 17.19 10.65 3.05
N ASN B 77 18.29 10.46 2.31
CA ASN B 77 19.62 10.38 2.92
C ASN B 77 20.01 11.70 3.58
N PHE B 78 19.67 12.84 2.96
CA PHE B 78 20.00 14.12 3.57
C PHE B 78 19.18 14.37 4.83
N LEU B 79 17.91 13.95 4.83
CA LEU B 79 17.16 14.05 6.08
C LEU B 79 17.82 13.25 7.18
N ARG B 80 18.27 12.04 6.85
CA ARG B 80 18.97 11.22 7.84
C ARG B 80 20.28 11.86 8.29
N TYR B 81 21.03 12.43 7.34
CA TYR B 81 22.30 13.07 7.64
C TYR B 81 22.12 14.30 8.53
N TYR B 82 21.16 15.16 8.18
CA TYR B 82 20.92 16.36 8.96
C TYR B 82 20.44 16.03 10.36
N ASP B 83 19.48 15.10 10.48
CA ASP B 83 19.01 14.73 11.81
C ASP B 83 20.15 14.17 12.65
N TYR B 84 21.04 13.38 12.03
CA TYR B 84 22.18 12.82 12.74
C TYR B 84 23.11 13.93 13.23
N GLU B 85 23.49 14.85 12.34
CA GLU B 85 24.41 15.91 12.72
C GLU B 85 23.79 16.86 13.73
N GLU B 86 22.50 17.15 13.60
CA GLU B 86 21.83 18.03 14.55
C GLU B 86 21.74 17.41 15.93
N GLU B 87 21.41 16.12 16.02
CA GLU B 87 21.43 15.45 17.31
C GLU B 87 22.84 15.37 17.87
N LYS B 88 23.86 15.33 17.00
CA LYS B 88 25.23 15.36 17.47
C LYS B 88 25.60 16.74 18.01
N LEU B 89 25.24 17.79 17.29
CA LEU B 89 25.56 19.16 17.69
C LEU B 89 24.87 19.54 19.00
N TYR C 13 -53.54 9.87 14.72
CA TYR C 13 -52.35 10.32 14.04
C TYR C 13 -52.41 10.07 12.54
N ASP C 14 -53.45 9.36 12.10
CA ASP C 14 -53.61 9.06 10.68
C ASP C 14 -53.73 10.33 9.85
N LYS C 15 -54.53 11.29 10.32
CA LYS C 15 -54.69 12.54 9.59
C LYS C 15 -53.41 13.36 9.59
N ILE C 16 -52.77 13.49 10.75
CA ILE C 16 -51.47 14.15 10.82
C ILE C 16 -50.46 13.45 9.92
N THR C 17 -50.48 12.12 9.92
CA THR C 17 -49.53 11.36 9.11
C THR C 17 -49.74 11.64 7.62
N GLU C 18 -51.00 11.67 7.17
CA GLU C 18 -51.24 11.96 5.76
C GLU C 18 -50.87 13.39 5.42
N GLU C 19 -51.17 14.34 6.31
CA GLU C 19 -50.80 15.72 6.07
C GLU C 19 -49.29 15.86 5.89
N ILE C 20 -48.52 15.19 6.76
CA ILE C 20 -47.07 15.26 6.66
C ILE C 20 -46.57 14.55 5.41
N ASN C 21 -47.17 13.40 5.07
CA ASN C 21 -46.82 12.72 3.83
C ASN C 21 -46.98 13.65 2.63
N LYS C 22 -48.12 14.36 2.58
CA LYS C 22 -48.39 15.27 1.47
C LYS C 22 -47.39 16.42 1.44
N ALA C 23 -47.11 17.02 2.61
CA ALA C 23 -46.13 18.10 2.67
C ALA C 23 -44.76 17.63 2.20
N ILE C 24 -44.36 16.42 2.61
CA ILE C 24 -43.08 15.86 2.20
C ILE C 24 -43.04 15.65 0.69
N ASP C 25 -44.13 15.12 0.12
CA ASP C 25 -44.17 14.90 -1.32
C ASP C 25 -44.07 16.21 -2.08
N ASP C 26 -44.73 17.26 -1.58
CA ASP C 26 -44.65 18.55 -2.24
C ASP C 26 -43.24 19.13 -2.18
N ALA C 27 -42.58 19.03 -1.02
CA ALA C 27 -41.20 19.50 -0.90
C ALA C 27 -40.28 18.73 -1.84
N ILE C 28 -40.43 17.41 -1.89
CA ILE C 28 -39.61 16.59 -2.79
C ILE C 28 -39.81 17.03 -4.23
N ALA C 29 -41.05 17.24 -4.65
CA ALA C 29 -41.31 17.62 -6.04
C ALA C 29 -40.67 18.97 -6.36
N ALA C 30 -40.81 19.94 -5.45
CA ALA C 30 -40.20 21.25 -5.68
C ALA C 30 -38.69 21.16 -5.79
N ILE C 31 -38.07 20.33 -4.94
CA ILE C 31 -36.61 20.20 -5.00
C ILE C 31 -36.19 19.50 -6.28
N GLU C 32 -36.92 18.47 -6.68
CA GLU C 32 -36.63 17.76 -7.93
C GLU C 32 -36.79 18.66 -9.15
N GLN C 33 -37.62 19.69 -9.06
CA GLN C 33 -37.67 20.67 -10.14
C GLN C 33 -36.38 21.48 -10.24
N SER C 34 -35.70 21.67 -9.11
CA SER C 34 -34.44 22.43 -9.10
C SER C 34 -33.34 21.65 -9.80
N GLU C 35 -32.51 22.37 -10.57
CA GLU C 35 -31.47 21.72 -11.35
C GLU C 35 -30.26 21.37 -10.50
N THR C 36 -30.02 22.12 -9.42
CA THR C 36 -28.86 21.91 -8.57
C THR C 36 -28.83 20.52 -7.95
N ILE C 37 -29.96 19.83 -7.90
CA ILE C 37 -30.02 18.52 -7.26
C ILE C 37 -29.71 17.38 -8.22
N ASP C 38 -30.06 17.50 -9.49
CA ASP C 38 -29.78 16.44 -10.45
C ASP C 38 -29.56 17.05 -11.83
N PRO C 39 -28.33 17.04 -12.36
CA PRO C 39 -27.08 16.59 -11.71
C PRO C 39 -26.63 17.50 -10.56
N MET C 40 -26.07 16.92 -9.52
CA MET C 40 -25.55 17.64 -8.37
C MET C 40 -24.02 17.66 -8.44
N LYS C 41 -23.45 18.85 -8.45
CA LYS C 41 -21.99 18.98 -8.44
C LYS C 41 -21.46 18.65 -7.05
N VAL C 42 -20.32 17.97 -7.00
CA VAL C 42 -19.59 17.73 -5.76
C VAL C 42 -18.21 18.36 -5.90
N PRO C 43 -17.73 19.12 -4.93
CA PRO C 43 -16.42 19.76 -5.06
C PRO C 43 -15.30 18.74 -5.21
N ASP C 44 -14.25 19.14 -5.92
CA ASP C 44 -13.09 18.28 -6.16
C ASP C 44 -12.47 17.82 -4.84
N HIS C 45 -11.87 16.63 -4.87
CA HIS C 45 -11.29 16.09 -3.65
C HIS C 45 -9.98 15.36 -3.94
N ALA C 46 -8.96 15.62 -3.14
CA ALA C 46 -7.67 14.94 -3.30
C ALA C 46 -7.29 14.28 -1.99
N ASP C 47 -6.51 13.20 -2.08
CA ASP C 47 -6.17 12.46 -0.88
C ASP C 47 -4.96 11.56 -1.14
N LYS C 48 -4.15 11.40 -0.10
CA LYS C 48 -3.14 10.35 -0.06
C LYS C 48 -3.72 9.10 0.58
N PHE C 49 -3.11 7.95 0.30
CA PHE C 49 -3.62 6.68 0.81
C PHE C 49 -2.51 5.65 0.88
N GLU C 50 -2.73 4.67 1.75
CA GLU C 50 -1.91 3.46 1.84
C GLU C 50 -2.82 2.27 2.10
N ARG C 51 -2.56 1.17 1.40
CA ARG C 51 -3.26 -0.09 1.62
C ARG C 51 -2.26 -1.24 1.48
N HIS C 52 -2.67 -2.41 1.99
CA HIS C 52 -1.87 -3.63 1.90
C HIS C 52 -2.67 -4.72 1.21
N VAL C 53 -2.25 -5.12 0.02
CA VAL C 53 -2.87 -6.21 -0.72
C VAL C 53 -1.86 -7.36 -0.76
N GLY C 54 -2.08 -8.35 0.10
CA GLY C 54 -1.12 -9.46 0.20
C GLY C 54 0.23 -8.95 0.64
N ILE C 55 1.27 -9.30 -0.14
CA ILE C 55 2.62 -8.79 0.14
C ILE C 55 2.84 -7.40 -0.43
N LEU C 56 1.93 -6.92 -1.28
CA LEU C 56 2.09 -5.61 -1.92
C LEU C 56 1.65 -4.51 -0.96
N ASP C 57 2.47 -3.45 -0.90
CA ASP C 57 2.21 -2.30 -0.04
C ASP C 57 2.02 -1.08 -0.94
N PHE C 58 0.76 -0.69 -1.15
CA PHE C 58 0.43 0.41 -2.05
C PHE C 58 0.42 1.71 -1.26
N LYS C 59 1.24 2.67 -1.69
CA LYS C 59 1.29 4.00 -1.13
C LYS C 59 1.18 4.97 -2.28
N GLY C 60 0.16 5.82 -2.28
CA GLY C 60 0.01 6.72 -3.40
C GLY C 60 -0.95 7.84 -3.13
N GLU C 61 -1.31 8.54 -4.20
CA GLU C 61 -2.22 9.67 -4.08
C GLU C 61 -3.24 9.64 -5.22
N LEU C 62 -4.37 10.31 -4.98
CA LEU C 62 -5.41 10.41 -5.99
C LEU C 62 -6.09 11.78 -5.90
N ALA C 63 -6.76 12.13 -6.99
CA ALA C 63 -7.53 13.36 -7.11
C ALA C 63 -8.77 13.08 -7.95
N MET C 64 -9.91 13.54 -7.46
CA MET C 64 -11.21 13.42 -8.11
C MET C 64 -11.69 14.80 -8.53
N ARG C 65 -12.00 14.95 -9.83
CA ARG C 65 -12.44 16.21 -10.40
C ARG C 65 -13.67 15.98 -11.27
N ASN C 66 -14.44 17.05 -11.47
CA ASN C 66 -15.65 17.02 -12.29
C ASN C 66 -16.67 16.01 -11.75
N ILE C 67 -16.88 16.05 -10.43
CA ILE C 67 -17.74 15.07 -9.76
C ILE C 67 -19.20 15.48 -9.92
N GLU C 68 -20.01 14.57 -10.49
CA GLU C 68 -21.43 14.81 -10.70
C GLU C 68 -22.25 13.62 -10.23
N ALA C 69 -23.32 13.90 -9.50
CA ALA C 69 -24.26 12.88 -9.02
C ALA C 69 -25.58 13.03 -9.78
N ARG C 70 -26.05 11.93 -10.36
CA ARG C 70 -27.32 11.89 -11.05
C ARG C 70 -28.23 10.84 -10.41
N GLY C 71 -29.53 11.07 -10.52
CA GLY C 71 -30.53 10.13 -10.03
C GLY C 71 -31.38 10.64 -8.89
N LEU C 72 -31.07 11.80 -8.32
CA LEU C 72 -31.85 12.31 -7.20
C LEU C 72 -33.21 12.84 -7.61
N LYS C 73 -33.46 13.00 -8.91
CA LYS C 73 -34.82 13.26 -9.39
C LYS C 73 -35.79 12.13 -9.05
N GLN C 74 -35.28 10.97 -8.66
CA GLN C 74 -36.10 9.82 -8.32
C GLN C 74 -36.32 9.69 -6.82
N MET C 75 -36.01 10.73 -6.04
CA MET C 75 -36.21 10.68 -4.60
C MET C 75 -37.68 10.45 -4.28
N LYS C 76 -37.93 9.55 -3.34
CA LYS C 76 -39.28 9.14 -3.01
C LYS C 76 -39.38 8.89 -1.52
N ARG C 77 -40.46 9.38 -0.91
CA ARG C 77 -40.74 9.05 0.47
C ARG C 77 -40.88 7.53 0.61
N GLN C 78 -40.23 6.97 1.62
CA GLN C 78 -40.29 5.54 1.87
C GLN C 78 -41.20 5.30 3.05
N GLY C 79 -42.45 4.92 2.78
CA GLY C 79 -43.41 4.68 3.83
C GLY C 79 -43.93 5.96 4.47
N ASP C 80 -44.87 5.76 5.39
CA ASP C 80 -45.47 6.88 6.12
C ASP C 80 -44.45 7.60 6.99
N ALA C 81 -44.71 8.89 7.22
CA ALA C 81 -44.03 9.60 8.29
C ALA C 81 -44.33 8.93 9.62
N ASN C 82 -43.27 8.68 10.41
CA ASN C 82 -43.41 8.15 11.75
C ASN C 82 -43.74 9.29 12.69
N VAL C 83 -44.98 9.34 13.17
CA VAL C 83 -45.52 10.50 13.86
C VAL C 83 -45.82 10.12 15.32
N LYS C 84 -45.37 10.97 16.25
CA LYS C 84 -45.71 10.82 17.65
C LYS C 84 -45.96 12.20 18.26
N GLY C 85 -47.03 12.31 19.05
CA GLY C 85 -47.34 13.57 19.68
C GLY C 85 -47.05 13.59 21.16
N GLU C 86 -46.18 14.51 21.59
CA GLU C 86 -45.83 14.66 22.99
C GLU C 86 -45.88 16.13 23.38
N GLU C 87 -46.57 16.43 24.49
CA GLU C 87 -46.57 17.77 25.08
C GLU C 87 -47.08 18.83 24.11
N GLY C 88 -48.11 18.49 23.33
CA GLY C 88 -48.62 19.47 22.40
C GLY C 88 -47.71 19.76 21.23
N ILE C 89 -46.67 18.96 21.03
CA ILE C 89 -45.79 19.06 19.87
C ILE C 89 -45.81 17.73 19.14
N VAL C 90 -46.09 17.78 17.83
CA VAL C 90 -46.01 16.60 16.99
C VAL C 90 -44.58 16.49 16.45
N LYS C 91 -43.97 15.33 16.64
CA LYS C 91 -42.68 15.04 16.04
C LYS C 91 -42.84 13.96 14.98
N ALA C 92 -42.04 14.06 13.92
CA ALA C 92 -42.15 13.15 12.80
C ALA C 92 -40.77 12.81 12.28
N HIS C 93 -40.55 11.53 12.01
CA HIS C 93 -39.32 11.08 11.38
C HIS C 93 -39.66 10.46 10.03
N LEU C 94 -38.84 10.76 9.03
CA LEU C 94 -39.08 10.31 7.67
C LEU C 94 -37.80 9.76 7.06
N LEU C 95 -38.00 8.82 6.14
CA LEU C 95 -36.96 8.32 5.27
C LEU C 95 -37.34 8.65 3.83
N ILE C 96 -36.38 9.15 3.08
CA ILE C 96 -36.55 9.50 1.68
C ILE C 96 -35.43 8.84 0.90
N GLY C 97 -35.77 8.08 -0.11
CA GLY C 97 -34.68 7.41 -0.80
C GLY C 97 -34.85 7.15 -2.27
N VAL C 98 -33.86 6.45 -2.81
CA VAL C 98 -33.89 5.95 -4.18
C VAL C 98 -33.52 4.47 -4.13
N HIS C 99 -34.50 3.63 -3.78
CA HIS C 99 -34.23 2.20 -3.61
C HIS C 99 -34.29 1.44 -4.92
N ASP C 100 -35.35 1.66 -5.71
CA ASP C 100 -35.47 0.93 -6.98
C ASP C 100 -34.42 1.38 -7.98
N ASP C 101 -34.18 2.69 -8.08
CA ASP C 101 -33.18 3.19 -9.01
C ASP C 101 -31.85 3.33 -8.28
N ILE C 102 -30.84 3.81 -9.00
CA ILE C 102 -29.47 3.90 -8.50
C ILE C 102 -29.01 5.34 -8.61
N VAL C 103 -28.23 5.80 -7.62
CA VAL C 103 -27.62 7.12 -7.71
C VAL C 103 -26.21 6.97 -8.29
N SER C 104 -25.93 7.64 -9.40
CA SER C 104 -24.66 7.45 -10.09
C SER C 104 -23.75 8.68 -9.93
N MET C 105 -22.51 8.44 -9.56
CA MET C 105 -21.50 9.48 -9.45
C MET C 105 -20.48 9.26 -10.54
N GLU C 106 -20.26 10.26 -11.36
CA GLU C 106 -19.24 10.18 -12.39
C GLU C 106 -18.18 11.23 -12.14
N TYR C 107 -16.93 10.86 -12.41
CA TYR C 107 -15.84 11.80 -12.13
C TYR C 107 -14.58 11.34 -12.83
N ASP C 108 -13.68 12.30 -13.01
CA ASP C 108 -12.35 12.03 -13.53
C ASP C 108 -11.42 11.79 -12.34
N LEU C 109 -10.62 10.72 -12.43
CA LEU C 109 -9.75 10.29 -11.35
C LEU C 109 -8.32 10.24 -11.86
N ALA C 110 -7.44 10.99 -11.21
CA ALA C 110 -6.01 10.91 -11.47
C ALA C 110 -5.35 10.28 -10.24
N TYR C 111 -4.56 9.23 -10.45
CA TYR C 111 -3.88 8.60 -9.34
C TYR C 111 -2.41 8.37 -9.68
N LYS C 112 -1.59 8.39 -8.63
CA LYS C 112 -0.16 8.20 -8.73
C LYS C 112 0.23 7.08 -7.78
N LEU C 113 0.76 6.00 -8.35
CA LEU C 113 1.31 4.86 -7.62
C LEU C 113 2.58 4.43 -8.35
N GLY C 114 3.72 4.56 -7.68
CA GLY C 114 4.97 4.21 -8.34
C GLY C 114 5.22 5.08 -9.57
N ASP C 115 5.50 4.43 -10.70
CA ASP C 115 5.78 5.15 -11.94
C ASP C 115 4.56 5.32 -12.84
N LEU C 116 3.36 4.94 -12.37
CA LEU C 116 2.15 5.14 -13.16
C LEU C 116 1.38 6.33 -12.60
N HIS C 117 0.98 7.24 -13.49
CA HIS C 117 0.21 8.43 -13.12
C HIS C 117 -0.87 8.69 -14.14
N PRO C 118 -1.80 7.75 -14.31
CA PRO C 118 -2.84 7.92 -15.34
C PRO C 118 -4.06 8.67 -14.81
N THR C 119 -4.85 9.17 -15.75
CA THR C 119 -6.15 9.76 -15.50
C THR C 119 -7.19 8.97 -16.25
N THR C 120 -8.26 8.58 -15.56
CA THR C 120 -9.30 7.73 -16.11
C THR C 120 -10.65 8.23 -15.64
N HIS C 121 -11.72 7.73 -16.26
CA HIS C 121 -13.06 8.12 -15.87
C HIS C 121 -13.69 7.02 -15.02
N VAL C 122 -14.44 7.43 -13.99
CA VAL C 122 -15.00 6.52 -13.00
C VAL C 122 -16.50 6.74 -12.92
N ILE C 123 -17.23 5.62 -12.87
CA ILE C 123 -18.65 5.59 -12.58
C ILE C 123 -18.84 4.80 -11.28
N SER C 124 -19.42 5.44 -10.27
CA SER C 124 -19.64 4.81 -8.97
C SER C 124 -21.13 4.80 -8.68
N ASP C 125 -21.69 3.61 -8.55
CA ASP C 125 -23.12 3.43 -8.36
C ASP C 125 -23.41 3.25 -6.89
N ILE C 126 -24.34 4.05 -6.39
CA ILE C 126 -24.77 4.01 -5.00
C ILE C 126 -26.10 3.29 -4.96
N GLN C 127 -26.15 2.21 -4.18
CA GLN C 127 -27.35 1.42 -3.98
C GLN C 127 -28.02 1.85 -2.69
N ASP C 128 -29.34 2.02 -2.74
CA ASP C 128 -30.14 2.36 -1.56
C ASP C 128 -29.68 3.67 -0.93
N PHE C 129 -29.60 4.71 -1.76
CA PHE C 129 -29.39 6.07 -1.25
C PHE C 129 -30.58 6.46 -0.37
N VAL C 130 -30.30 6.88 0.86
CA VAL C 130 -31.34 7.15 1.85
C VAL C 130 -30.98 8.40 2.66
N VAL C 131 -31.98 9.25 2.87
CA VAL C 131 -31.91 10.42 3.73
C VAL C 131 -32.88 10.22 4.88
N ALA C 132 -32.44 10.48 6.10
CA ALA C 132 -33.30 10.50 7.27
C ALA C 132 -33.50 11.95 7.71
N LEU C 133 -34.75 12.32 8.00
CA LEU C 133 -35.02 13.69 8.42
C LEU C 133 -36.06 13.68 9.53
N SER C 134 -35.97 14.69 10.39
CA SER C 134 -36.89 14.84 11.51
C SER C 134 -37.48 16.23 11.50
N LEU C 135 -38.79 16.28 11.77
CA LEU C 135 -39.63 17.46 11.73
C LEU C 135 -40.33 17.63 13.06
N GLU C 136 -40.62 18.89 13.41
CA GLU C 136 -41.43 19.22 14.56
C GLU C 136 -42.52 20.21 14.16
N ILE C 137 -43.74 19.95 14.61
CA ILE C 137 -44.89 20.83 14.39
C ILE C 137 -45.46 21.19 15.76
N PRO C 138 -45.33 22.43 16.21
CA PRO C 138 -46.02 22.83 17.44
C PRO C 138 -47.50 23.04 17.17
N ASP C 139 -48.29 22.84 18.22
CA ASP C 139 -49.73 23.02 18.12
C ASP C 139 -50.06 24.39 17.55
N GLU C 140 -50.97 24.41 16.58
CA GLU C 140 -51.39 25.65 15.91
C GLU C 140 -50.19 26.39 15.32
N GLY C 141 -49.18 25.64 14.89
CA GLY C 141 -47.97 26.23 14.36
C GLY C 141 -47.58 25.67 13.01
N ASN C 142 -46.30 25.77 12.66
CA ASN C 142 -45.81 25.35 11.36
C ASN C 142 -44.63 24.41 11.52
N ILE C 143 -44.33 23.70 10.43
CA ILE C 143 -43.26 22.69 10.43
C ILE C 143 -41.91 23.35 10.62
N THR C 144 -41.10 22.76 11.49
CA THR C 144 -39.68 23.07 11.58
C THR C 144 -38.92 21.77 11.33
N MET C 145 -37.93 21.82 10.43
CA MET C 145 -37.08 20.67 10.20
C MET C 145 -35.96 20.71 11.23
N THR C 146 -35.86 19.67 12.04
CA THR C 146 -34.89 19.62 13.12
C THR C 146 -33.70 18.72 12.81
N SER C 147 -33.83 17.80 11.87
CA SER C 147 -32.72 16.89 11.62
C SER C 147 -32.70 16.48 10.15
N PHE C 148 -31.50 16.31 9.61
CA PHE C 148 -31.33 15.89 8.22
C PHE C 148 -29.98 15.23 8.07
N GLU C 149 -29.97 14.04 7.46
CA GLU C 149 -28.71 13.31 7.28
C GLU C 149 -28.83 12.36 6.10
N VAL C 150 -27.75 12.22 5.35
CA VAL C 150 -27.64 11.17 4.36
C VAL C 150 -27.05 9.95 5.06
N ARG C 151 -27.81 8.86 5.10
CA ARG C 151 -27.39 7.63 5.75
C ARG C 151 -26.19 7.01 5.02
N GLN C 152 -25.42 6.21 5.75
CA GLN C 152 -24.31 5.49 5.13
C GLN C 152 -24.82 4.67 3.95
N PHE C 153 -24.06 4.70 2.86
CA PHE C 153 -24.45 3.98 1.66
C PHE C 153 -24.38 2.48 1.93
N ALA C 154 -25.45 1.77 1.57
CA ALA C 154 -25.43 0.32 1.70
C ALA C 154 -24.30 -0.29 0.88
N ASN C 155 -24.11 0.17 -0.35
CA ASN C 155 -23.04 -0.32 -1.18
C ASN C 155 -22.71 0.69 -2.28
N VAL C 156 -21.41 0.72 -2.61
CA VAL C 156 -20.86 1.56 -3.67
C VAL C 156 -20.11 0.65 -4.64
N VAL C 157 -20.59 0.57 -5.87
CA VAL C 157 -19.98 -0.24 -6.91
C VAL C 157 -19.17 0.66 -7.83
N ASN C 158 -17.86 0.46 -7.87
CA ASN C 158 -16.96 1.34 -8.61
C ASN C 158 -16.53 0.69 -9.92
N HIS C 159 -16.65 1.44 -11.01
CA HIS C 159 -16.08 1.09 -12.31
C HIS C 159 -15.03 2.13 -12.65
N ILE C 160 -13.77 1.71 -12.68
CA ILE C 160 -12.62 2.56 -12.95
C ILE C 160 -12.12 2.18 -14.32
N GLY C 161 -12.25 3.10 -15.28
CA GLY C 161 -11.88 2.82 -16.65
C GLY C 161 -10.48 2.28 -16.80
N GLY C 162 -10.34 1.14 -17.46
CA GLY C 162 -9.06 0.54 -17.73
C GLY C 162 -8.52 -0.39 -16.66
N LEU C 163 -9.22 -0.54 -15.53
CA LEU C 163 -8.76 -1.43 -14.47
C LEU C 163 -9.69 -2.64 -14.38
N SER C 164 -9.10 -3.83 -14.38
CA SER C 164 -9.85 -5.05 -14.14
C SER C 164 -10.26 -5.17 -12.68
N ILE C 165 -11.42 -5.79 -12.45
CA ILE C 165 -11.86 -6.06 -11.09
C ILE C 165 -10.91 -7.00 -10.36
N LEU C 166 -10.08 -7.74 -11.10
CA LEU C 166 -9.07 -8.62 -10.53
C LEU C 166 -7.77 -7.90 -10.21
N ASP C 167 -7.61 -6.66 -10.68
CA ASP C 167 -6.36 -5.94 -10.48
C ASP C 167 -6.23 -5.48 -9.03
N PRO C 168 -5.11 -5.75 -8.37
CA PRO C 168 -4.90 -5.20 -7.01
C PRO C 168 -4.97 -3.69 -6.96
N ILE C 169 -4.58 -3.02 -8.06
CA ILE C 169 -4.71 -1.56 -8.12
C ILE C 169 -6.18 -1.18 -8.04
N PHE C 170 -7.06 -1.97 -8.67
CA PHE C 170 -8.49 -1.75 -8.51
C PHE C 170 -8.92 -1.97 -7.07
N GLY C 171 -8.41 -3.01 -6.41
CA GLY C 171 -8.80 -3.24 -5.03
C GLY C 171 -8.46 -2.06 -4.14
N VAL C 172 -7.23 -1.56 -4.25
CA VAL C 172 -6.81 -0.42 -3.43
C VAL C 172 -7.64 0.82 -3.77
N LEU C 173 -7.75 1.15 -5.06
CA LEU C 173 -8.44 2.37 -5.44
C LEU C 173 -9.91 2.31 -5.06
N SER C 174 -10.56 1.17 -5.29
CA SER C 174 -11.98 1.03 -4.95
C SER C 174 -12.20 1.14 -3.46
N ASP C 175 -11.29 0.59 -2.65
CA ASP C 175 -11.45 0.71 -1.21
C ASP C 175 -11.30 2.17 -0.75
N VAL C 176 -10.27 2.85 -1.26
CA VAL C 176 -10.08 4.25 -0.92
C VAL C 176 -11.26 5.10 -1.37
N LEU C 177 -11.79 4.81 -2.57
CA LEU C 177 -12.92 5.58 -3.10
C LEU C 177 -14.19 5.34 -2.28
N THR C 178 -14.44 4.09 -1.89
CA THR C 178 -15.59 3.81 -1.04
C THR C 178 -15.50 4.57 0.28
N ALA C 179 -14.30 4.59 0.89
CA ALA C 179 -14.15 5.37 2.12
C ALA C 179 -14.40 6.85 1.89
N ILE C 180 -13.88 7.38 0.78
CA ILE C 180 -14.08 8.79 0.46
C ILE C 180 -15.56 9.08 0.25
N PHE C 181 -16.30 8.15 -0.34
CA PHE C 181 -17.73 8.34 -0.54
C PHE C 181 -18.48 8.32 0.79
N GLN C 182 -18.13 7.38 1.67
CA GLN C 182 -18.80 7.33 2.97
C GLN C 182 -18.51 8.56 3.82
N ASP C 183 -17.38 9.24 3.57
CA ASP C 183 -17.09 10.44 4.35
C ASP C 183 -17.40 11.72 3.58
N THR C 184 -16.49 12.10 2.69
CA THR C 184 -16.55 13.40 2.02
C THR C 184 -17.81 13.53 1.18
N VAL C 185 -18.09 12.55 0.33
CA VAL C 185 -19.19 12.67 -0.62
C VAL C 185 -20.51 12.77 0.13
N ARG C 186 -20.69 11.93 1.15
CA ARG C 186 -21.90 11.99 1.96
C ARG C 186 -22.06 13.34 2.63
N LYS C 187 -20.97 13.90 3.15
CA LYS C 187 -21.07 15.21 3.81
C LYS C 187 -21.40 16.31 2.80
N GLU C 188 -20.80 16.28 1.61
CA GLU C 188 -21.11 17.29 0.61
C GLU C 188 -22.56 17.23 0.18
N MET C 189 -23.08 16.01 -0.01
CA MET C 189 -24.49 15.88 -0.39
C MET C 189 -25.41 16.34 0.71
N THR C 190 -25.04 16.09 1.98
CA THR C 190 -25.84 16.64 3.08
C THR C 190 -25.82 18.16 3.04
N LYS C 191 -24.65 18.75 2.81
CA LYS C 191 -24.55 20.21 2.74
C LYS C 191 -25.45 20.79 1.66
N VAL C 192 -25.57 20.08 0.53
CA VAL C 192 -26.43 20.58 -0.54
C VAL C 192 -27.90 20.35 -0.21
N LEU C 193 -28.25 19.15 0.27
CA LEU C 193 -29.64 18.74 0.35
C LEU C 193 -30.35 19.32 1.58
N ALA C 194 -29.67 19.42 2.72
CA ALA C 194 -30.33 19.85 3.95
C ALA C 194 -30.95 21.24 3.85
N PRO C 195 -30.26 22.27 3.36
CA PRO C 195 -30.92 23.60 3.26
C PRO C 195 -32.03 23.64 2.23
N ALA C 196 -31.93 22.86 1.14
CA ALA C 196 -33.02 22.82 0.17
C ALA C 196 -34.30 22.27 0.80
N PHE C 197 -34.19 21.13 1.49
CA PHE C 197 -35.35 20.57 2.17
C PHE C 197 -35.84 21.49 3.27
N LYS C 198 -34.92 22.14 3.99
CA LYS C 198 -35.32 23.04 5.06
C LYS C 198 -36.11 24.21 4.51
N ARG C 199 -35.64 24.80 3.42
CA ARG C 199 -36.37 25.90 2.79
C ARG C 199 -37.75 25.47 2.35
N GLU C 200 -37.85 24.28 1.73
CA GLU C 200 -39.16 23.88 1.22
C GLU C 200 -40.12 23.51 2.34
N LEU C 201 -39.65 22.82 3.38
CA LEU C 201 -40.55 22.35 4.42
C LEU C 201 -40.94 23.47 5.38
N GLU C 202 -40.02 24.36 5.74
CA GLU C 202 -40.32 25.35 6.77
C GLU C 202 -41.07 26.57 6.23
N LYS C 203 -41.26 26.68 4.93
CA LYS C 203 -42.12 27.71 4.38
C LYS C 203 -43.58 27.45 4.73
N GLU D 13 -13.01 -23.39 -21.38
CA GLU D 13 -11.65 -23.38 -21.87
C GLU D 13 -11.23 -21.98 -22.33
N LYS D 14 -12.16 -21.28 -22.98
CA LYS D 14 -11.94 -19.89 -23.39
C LYS D 14 -11.71 -18.99 -22.19
N PHE D 15 -12.36 -19.30 -21.07
CA PHE D 15 -12.18 -18.54 -19.83
C PHE D 15 -10.72 -18.45 -19.45
N LYS D 16 -10.00 -19.58 -19.51
CA LYS D 16 -8.59 -19.56 -19.12
C LYS D 16 -7.77 -18.62 -20.01
N LYS D 17 -8.12 -18.56 -21.30
CA LYS D 17 -7.43 -17.66 -22.22
C LYS D 17 -7.65 -16.20 -21.84
N LYS D 18 -8.91 -15.80 -21.68
CA LYS D 18 -9.18 -14.41 -21.30
C LYS D 18 -8.54 -14.08 -19.95
N LEU D 19 -8.57 -15.03 -19.01
CA LEU D 19 -7.99 -14.80 -17.69
C LEU D 19 -6.48 -14.63 -17.77
N GLU D 20 -5.81 -15.42 -18.63
CA GLU D 20 -4.37 -15.24 -18.79
C GLU D 20 -4.04 -13.88 -19.38
N GLU D 21 -4.88 -13.38 -20.29
CA GLU D 21 -4.60 -12.04 -20.83
C GLU D 21 -4.77 -10.97 -19.78
N GLU D 22 -5.83 -11.08 -18.97
CA GLU D 22 -6.01 -10.14 -17.85
C GLU D 22 -4.84 -10.22 -16.87
N LEU D 23 -4.37 -11.43 -16.57
CA LEU D 23 -3.25 -11.59 -15.65
C LEU D 23 -1.99 -10.97 -16.22
N LYS D 24 -1.79 -11.07 -17.53
CA LYS D 24 -0.61 -10.48 -18.14
C LYS D 24 -0.64 -8.96 -18.02
N LYS D 25 -1.81 -8.36 -18.28
CA LYS D 25 -1.91 -6.91 -18.13
C LYS D 25 -1.72 -6.47 -16.68
N ILE D 26 -2.30 -7.22 -15.73
CA ILE D 26 -2.12 -6.90 -14.31
C ILE D 26 -0.65 -6.96 -13.93
N ARG D 27 0.05 -8.01 -14.38
CA ARG D 27 1.47 -8.13 -14.09
C ARG D 27 2.26 -6.97 -14.67
N GLU D 28 1.95 -6.58 -15.92
CA GLU D 28 2.60 -5.42 -16.52
C GLU D 28 2.40 -4.17 -15.67
N ARG D 29 1.17 -3.92 -15.24
CA ARG D 29 0.90 -2.72 -14.45
C ARG D 29 1.63 -2.76 -13.11
N LEU D 30 1.64 -3.92 -12.45
CA LEU D 30 2.30 -4.04 -11.16
C LEU D 30 3.80 -3.81 -11.29
N LEU D 31 4.41 -4.23 -12.42
CA LEU D 31 5.84 -4.03 -12.59
C LEU D 31 6.24 -2.56 -12.66
N MET D 32 5.29 -1.65 -12.76
CA MET D 32 5.58 -0.22 -12.72
C MET D 32 5.50 0.36 -11.32
N VAL D 33 5.18 -0.46 -10.31
CA VAL D 33 5.03 -0.01 -8.93
C VAL D 33 5.95 -0.76 -7.99
N PHE D 34 6.16 -2.06 -8.22
CA PHE D 34 6.89 -2.90 -7.29
C PHE D 34 8.06 -3.59 -8.00
N ASP D 35 8.92 -4.22 -7.19
CA ASP D 35 10.01 -5.00 -7.74
C ASP D 35 9.49 -6.22 -8.48
N GLU D 36 10.29 -6.71 -9.43
CA GLU D 36 9.87 -7.84 -10.26
C GLU D 36 9.46 -9.04 -9.41
N GLU D 37 10.27 -9.36 -8.40
CA GLU D 37 10.00 -10.57 -7.63
C GLU D 37 8.74 -10.43 -6.77
N ARG D 38 8.53 -9.27 -6.17
CA ARG D 38 7.29 -9.08 -5.41
C ARG D 38 6.08 -9.29 -6.32
N VAL D 39 6.15 -8.75 -7.54
CA VAL D 39 5.07 -8.96 -8.51
C VAL D 39 4.92 -10.43 -8.84
N GLU D 40 6.03 -11.16 -8.99
CA GLU D 40 5.96 -12.55 -9.41
C GLU D 40 5.44 -13.45 -8.29
N GLU D 41 5.90 -13.22 -7.06
CA GLU D 41 5.33 -13.90 -5.91
C GLU D 41 3.83 -13.60 -5.78
N TYR D 42 3.45 -12.34 -6.01
CA TYR D 42 2.04 -11.98 -5.93
C TYR D 42 1.23 -12.70 -7.00
N MET D 43 1.73 -12.71 -8.24
CA MET D 43 1.05 -13.42 -9.31
C MET D 43 0.95 -14.92 -9.02
N LYS D 44 1.99 -15.50 -8.42
CA LYS D 44 1.95 -16.92 -8.07
C LYS D 44 0.89 -17.18 -7.00
N ILE D 45 0.83 -16.31 -5.98
CA ILE D 45 -0.20 -16.44 -4.95
C ILE D 45 -1.58 -16.25 -5.55
N MET D 46 -1.72 -15.29 -6.47
CA MET D 46 -2.99 -15.06 -7.14
C MET D 46 -3.43 -16.29 -7.92
N LYS D 47 -2.51 -16.89 -8.69
CA LYS D 47 -2.82 -18.12 -9.42
C LYS D 47 -3.16 -19.26 -8.47
N GLU D 48 -2.47 -19.32 -7.32
CA GLU D 48 -2.79 -20.32 -6.31
C GLU D 48 -4.23 -20.17 -5.84
N VAL D 49 -4.65 -18.94 -5.55
CA VAL D 49 -6.01 -18.67 -5.12
C VAL D 49 -7.00 -19.00 -6.23
N ILE D 50 -6.65 -18.64 -7.47
CA ILE D 50 -7.51 -18.93 -8.62
C ILE D 50 -7.74 -20.43 -8.75
N GLU D 51 -6.66 -21.21 -8.66
CA GLU D 51 -6.78 -22.67 -8.68
C GLU D 51 -7.67 -23.16 -7.55
N LYS D 52 -7.41 -22.70 -6.32
CA LYS D 52 -8.19 -23.13 -5.17
C LYS D 52 -9.68 -22.90 -5.39
N ILE D 53 -10.03 -21.71 -5.87
CA ILE D 53 -11.42 -21.34 -6.10
C ILE D 53 -12.06 -22.21 -7.18
N LYS D 64 -15.39 -23.74 3.05
CA LYS D 64 -14.91 -22.42 2.66
C LYS D 64 -13.46 -22.49 2.15
N VAL D 65 -13.25 -21.90 0.97
CA VAL D 65 -11.93 -21.92 0.34
C VAL D 65 -10.96 -21.11 1.19
N GLU D 66 -9.79 -21.68 1.47
CA GLU D 66 -8.75 -20.95 2.19
C GLU D 66 -8.25 -19.77 1.36
N ILE D 67 -8.12 -18.62 2.01
CA ILE D 67 -7.75 -17.39 1.34
C ILE D 67 -6.59 -16.74 2.10
N PRO D 68 -5.45 -16.48 1.46
CA PRO D 68 -4.38 -15.78 2.15
C PRO D 68 -4.82 -14.38 2.52
N PRO D 69 -4.26 -13.81 3.59
CA PRO D 69 -4.74 -12.50 4.07
C PRO D 69 -4.51 -11.40 3.04
N GLY D 70 -5.46 -10.47 2.98
CA GLY D 70 -5.44 -9.41 2.00
C GLY D 70 -5.96 -9.78 0.64
N MET D 71 -6.43 -11.01 0.45
CA MET D 71 -6.95 -11.47 -0.83
C MET D 71 -8.44 -11.75 -0.81
N GLU D 72 -9.11 -11.52 0.33
CA GLU D 72 -10.55 -11.75 0.41
C GLU D 72 -11.30 -10.87 -0.60
N TRP D 73 -10.86 -9.62 -0.76
CA TRP D 73 -11.41 -8.78 -1.81
C TRP D 73 -11.22 -9.44 -3.17
N PHE D 74 -10.04 -10.02 -3.41
CA PHE D 74 -9.79 -10.68 -4.69
C PHE D 74 -10.65 -11.91 -4.84
N TYR D 75 -10.88 -12.63 -3.74
CA TYR D 75 -11.74 -13.81 -3.79
C TYR D 75 -13.16 -13.43 -4.21
N GLU D 76 -13.73 -12.40 -3.58
CA GLU D 76 -15.08 -11.96 -3.97
C GLU D 76 -15.10 -11.40 -5.39
N ASN D 77 -14.11 -10.59 -5.75
CA ASN D 77 -14.06 -10.01 -7.09
C ASN D 77 -13.89 -11.10 -8.14
N PHE D 78 -13.08 -12.12 -7.87
CA PHE D 78 -12.89 -13.21 -8.82
C PHE D 78 -14.14 -14.06 -8.92
N LEU D 79 -14.85 -14.27 -7.81
CA LEU D 79 -16.13 -14.96 -7.90
C LEU D 79 -17.09 -14.20 -8.80
N ARG D 80 -17.16 -12.88 -8.64
CA ARG D 80 -18.02 -12.08 -9.51
C ARG D 80 -17.52 -12.12 -10.96
N TYR D 81 -16.20 -12.10 -11.16
CA TYR D 81 -15.63 -12.14 -12.50
C TYR D 81 -15.96 -13.46 -13.20
N TYR D 82 -15.77 -14.57 -12.51
CA TYR D 82 -16.09 -15.88 -13.08
C TYR D 82 -17.58 -16.03 -13.32
N ASP D 83 -18.40 -15.63 -12.35
CA ASP D 83 -19.86 -15.70 -12.54
C ASP D 83 -20.28 -14.87 -13.74
N TYR D 84 -19.66 -13.70 -13.93
CA TYR D 84 -19.95 -12.87 -15.09
C TYR D 84 -19.54 -13.56 -16.39
N GLU D 85 -18.31 -14.04 -16.45
CA GLU D 85 -17.79 -14.61 -17.69
C GLU D 85 -18.51 -15.89 -18.07
N GLU D 86 -18.87 -16.71 -17.08
CA GLU D 86 -19.59 -17.95 -17.35
C GLU D 86 -20.97 -17.68 -17.92
N GLU D 87 -21.69 -16.73 -17.32
CA GLU D 87 -22.99 -16.31 -17.82
C GLU D 87 -22.86 -15.59 -19.16
NA NA E . 32.17 -15.10 -0.06
NA NA F . -15.89 18.31 -8.77
NA NA G . -42.41 25.69 13.76
#